data_3VI8
#
_entry.id   3VI8
#
_cell.length_a   44.368
_cell.length_b   61.304
_cell.length_c   53.179
_cell.angle_alpha   90.00
_cell.angle_beta   106.95
_cell.angle_gamma   90.00
#
_symmetry.space_group_name_H-M   'P 1 21 1'
#
loop_
_entity.id
_entity.type
_entity.pdbx_description
1 polymer 'Peroxisome proliferator-activated receptor alpha'
2 non-polymer '(2S)-2-(4-methoxy-3-{[(pyren-1-ylcarbonyl)amino]methyl}benzyl)butanoic acid'
3 water water
#
_entity_poly.entity_id   1
_entity_poly.type   'polypeptide(L)'
_entity_poly.pdbx_seq_one_letter_code
;GSHMTADLKSLAKRIYEAYLKNFNMNKVKARVILSGKASNNPPFVIHDMETLCMAEKTLVAKLVANGIQNKEAEVRIFHC
CQCTSVETVTELTEFAKAIPGFANLDLNDQVTLLKYGVYEAIFAMLSSVMNKDGMLVAYGNGFITREFLKSLRKPFCDIM
EPKFDFAMKFNALELDDSDISLFVAAIICCGDRPGLLNVGHIEKMQEGIVHVLRLHLQSNHPDDIFLFPKLLQKMADLRQ
LVTEHAQLVQIIKKTESDAALHPLLQEIYRDMY
;
_entity_poly.pdbx_strand_id   A
#
# COMPACT_ATOMS: atom_id res chain seq x y z
N ASP A 7 -4.91 27.39 -9.63
CA ASP A 7 -3.53 26.88 -9.36
C ASP A 7 -3.51 25.66 -8.43
N LEU A 8 -4.43 25.62 -7.47
CA LEU A 8 -4.49 24.48 -6.55
C LEU A 8 -5.21 23.32 -7.24
N LYS A 9 -6.16 23.65 -8.12
CA LYS A 9 -6.93 22.68 -8.89
C LYS A 9 -5.97 22.04 -9.90
N SER A 10 -4.98 22.83 -10.30
CA SER A 10 -3.95 22.37 -11.22
C SER A 10 -3.03 21.41 -10.49
N LEU A 11 -2.71 21.74 -9.23
CA LEU A 11 -1.83 20.91 -8.41
C LEU A 11 -2.44 19.51 -8.19
N ALA A 12 -3.73 19.49 -7.93
CA ALA A 12 -4.47 18.25 -7.69
C ALA A 12 -4.37 17.35 -8.93
N LYS A 13 -4.51 17.96 -10.10
CA LYS A 13 -4.44 17.22 -11.34
C LYS A 13 -3.02 16.67 -11.58
N ARG A 14 -2.01 17.49 -11.29
CA ARG A 14 -0.61 17.06 -11.46
C ARG A 14 -0.38 15.79 -10.64
N ILE A 15 -0.86 15.80 -9.40
CA ILE A 15 -0.69 14.65 -8.51
C ILE A 15 -1.40 13.42 -9.08
N TYR A 16 -2.62 13.63 -9.55
CA TYR A 16 -3.46 12.58 -10.12
C TYR A 16 -2.79 11.94 -11.35
N GLU A 17 -2.23 12.79 -12.21
CA GLU A 17 -1.57 12.32 -13.42
C GLU A 17 -0.31 11.53 -13.08
N ALA A 18 0.44 11.99 -12.07
CA ALA A 18 1.65 11.31 -11.65
C ALA A 18 1.31 9.93 -11.08
N TYR A 19 0.21 9.87 -10.37
CA TYR A 19 -0.28 8.62 -9.77
C TYR A 19 -0.66 7.66 -10.89
N LEU A 20 -1.41 8.15 -11.88
CA LEU A 20 -1.83 7.31 -13.00
C LEU A 20 -0.64 6.82 -13.84
N LYS A 21 0.42 7.63 -13.90
CA LYS A 21 1.60 7.29 -14.67
C LYS A 21 2.63 6.42 -13.94
N ASN A 22 2.60 6.42 -12.62
CA ASN A 22 3.57 5.64 -11.86
C ASN A 22 3.13 4.35 -11.19
N PHE A 23 1.83 4.17 -10.98
CA PHE A 23 1.35 2.94 -10.37
C PHE A 23 0.71 2.02 -11.41
N ASN A 24 1.18 0.77 -11.43
CA ASN A 24 0.68 -0.22 -12.40
C ASN A 24 -0.81 -0.48 -12.24
N MET A 25 -1.31 -0.28 -11.03
CA MET A 25 -2.70 -0.51 -10.72
C MET A 25 -3.38 0.73 -10.16
N ASN A 26 -4.64 0.90 -10.54
CA ASN A 26 -5.44 2.01 -10.05
C ASN A 26 -6.85 1.47 -9.86
N LYS A 27 -7.68 2.23 -9.15
CA LYS A 27 -9.04 1.80 -8.87
C LYS A 27 -9.89 1.46 -10.10
N VAL A 28 -9.79 2.29 -11.15
CA VAL A 28 -10.56 2.03 -12.36
C VAL A 28 -10.16 0.70 -13.00
N LYS A 29 -8.85 0.48 -13.18
CA LYS A 29 -8.35 -0.77 -13.78
C LYS A 29 -8.74 -1.98 -12.94
N ALA A 30 -8.58 -1.84 -11.63
CA ALA A 30 -8.91 -2.90 -10.69
C ALA A 30 -10.38 -3.30 -10.82
N ARG A 31 -11.25 -2.30 -10.87
CA ARG A 31 -12.69 -2.53 -10.98
C ARG A 31 -13.11 -3.15 -12.30
N VAL A 32 -12.45 -2.76 -13.39
CA VAL A 32 -12.75 -3.32 -14.71
C VAL A 32 -12.47 -4.82 -14.66
N ILE A 33 -11.37 -5.19 -14.02
CA ILE A 33 -10.99 -6.60 -13.90
C ILE A 33 -11.93 -7.36 -12.98
N LEU A 34 -12.27 -6.75 -11.85
CA LEU A 34 -13.14 -7.38 -10.86
C LEU A 34 -14.60 -7.59 -11.30
N SER A 35 -15.03 -6.84 -12.30
CA SER A 35 -16.42 -6.95 -12.77
C SER A 35 -16.60 -7.99 -13.88
N PRO A 43 -9.23 -13.37 -14.77
CA PRO A 43 -8.26 -13.53 -13.68
C PRO A 43 -8.40 -14.93 -13.11
N PHE A 44 -7.28 -15.64 -12.96
CA PHE A 44 -7.31 -16.99 -12.42
C PHE A 44 -7.62 -16.93 -10.92
N VAL A 45 -8.62 -17.70 -10.49
CA VAL A 45 -9.02 -17.72 -9.09
C VAL A 45 -8.25 -18.73 -8.24
N ILE A 46 -7.68 -18.24 -7.15
CA ILE A 46 -6.94 -19.06 -6.22
C ILE A 46 -7.80 -19.17 -4.96
N HIS A 47 -8.42 -20.33 -4.76
CA HIS A 47 -9.30 -20.54 -3.62
C HIS A 47 -8.89 -21.73 -2.75
N ASP A 48 -7.90 -22.50 -3.20
CA ASP A 48 -7.40 -23.65 -2.46
C ASP A 48 -5.96 -23.97 -2.85
N MET A 49 -5.40 -25.02 -2.27
CA MET A 49 -4.02 -25.40 -2.56
C MET A 49 -3.81 -25.80 -4.02
N GLU A 50 -4.76 -26.52 -4.60
CA GLU A 50 -4.61 -26.94 -6.00
C GLU A 50 -4.49 -25.72 -6.90
N THR A 51 -5.44 -24.79 -6.78
CA THR A 51 -5.44 -23.57 -7.59
C THR A 51 -4.24 -22.69 -7.29
N LEU A 52 -3.79 -22.66 -6.04
CA LEU A 52 -2.61 -21.88 -5.69
C LEU A 52 -1.43 -22.38 -6.50
N CYS A 53 -1.23 -23.69 -6.48
CA CYS A 53 -0.13 -24.34 -7.19
C CYS A 53 -0.21 -24.11 -8.69
N MET A 54 -1.40 -24.20 -9.25
CA MET A 54 -1.57 -23.97 -10.69
C MET A 54 -1.20 -22.53 -11.04
N ALA A 55 -1.69 -21.60 -10.23
CA ALA A 55 -1.41 -20.18 -10.41
C ALA A 55 0.10 -19.92 -10.39
N GLU A 56 0.79 -20.49 -9.42
CA GLU A 56 2.24 -20.32 -9.27
C GLU A 56 3.02 -20.82 -10.49
N LYS A 57 2.65 -21.98 -11.00
CA LYS A 57 3.32 -22.56 -12.17
C LYS A 57 3.18 -21.66 -13.41
N THR A 58 2.09 -20.89 -13.45
CA THR A 58 1.86 -20.01 -14.58
C THR A 58 2.40 -18.59 -14.34
N LEU A 59 2.17 -18.05 -13.14
CA LEU A 59 2.55 -16.68 -12.81
C LEU A 59 3.93 -16.43 -12.21
N VAL A 60 4.41 -17.37 -11.41
CA VAL A 60 5.72 -17.23 -10.76
C VAL A 60 6.44 -18.56 -10.84
N ALA A 61 6.49 -19.10 -12.04
CA ALA A 61 7.11 -20.39 -12.35
C ALA A 61 8.46 -20.63 -11.66
N LYS A 62 9.35 -19.63 -11.74
CA LYS A 62 10.68 -19.69 -11.14
C LYS A 62 10.64 -20.08 -9.65
N LEU A 63 9.60 -19.64 -8.95
CA LEU A 63 9.44 -19.92 -7.52
C LEU A 63 9.00 -21.31 -7.22
N VAL A 64 8.50 -22.10 -8.12
CA VAL A 64 8.06 -23.48 -7.86
C VAL A 64 8.78 -24.52 -8.72
N ALA A 65 9.96 -24.14 -9.21
CA ALA A 65 10.78 -25.01 -10.07
C ALA A 65 11.85 -25.75 -9.29
N ASN A 66 11.94 -25.49 -8.00
CA ASN A 66 12.96 -26.12 -7.15
C ASN A 66 12.68 -27.57 -6.75
N GLY A 67 11.51 -27.85 -6.18
CA GLY A 67 11.18 -29.21 -5.77
C GLY A 67 11.19 -29.50 -4.27
N ASN A 70 10.92 -26.97 -3.15
CA ASN A 70 10.24 -25.69 -2.97
C ASN A 70 9.90 -25.44 -1.50
N LYS A 71 9.66 -24.17 -1.18
CA LYS A 71 9.31 -23.77 0.18
C LYS A 71 7.84 -24.12 0.44
N GLU A 72 7.45 -24.08 1.71
CA GLU A 72 6.08 -24.37 2.15
C GLU A 72 5.15 -23.35 1.49
N ALA A 73 3.93 -23.77 1.18
CA ALA A 73 2.95 -22.88 0.54
C ALA A 73 2.80 -21.53 1.24
N GLU A 74 2.73 -21.54 2.57
CA GLU A 74 2.61 -20.30 3.35
C GLU A 74 3.79 -19.35 3.12
N VAL A 75 5.01 -19.89 3.11
CA VAL A 75 6.22 -19.09 2.89
C VAL A 75 6.27 -18.58 1.46
N ARG A 76 5.82 -19.41 0.53
CA ARG A 76 5.79 -19.07 -0.90
C ARG A 76 4.89 -17.85 -1.09
N ILE A 77 3.75 -17.84 -0.40
CA ILE A 77 2.81 -16.74 -0.49
C ILE A 77 3.42 -15.49 0.16
N PHE A 78 4.07 -15.68 1.30
CA PHE A 78 4.69 -14.59 2.05
C PHE A 78 5.76 -13.90 1.18
N HIS A 79 6.46 -14.69 0.38
CA HIS A 79 7.50 -14.17 -0.50
C HIS A 79 6.88 -13.32 -1.61
N CYS A 80 5.76 -13.80 -2.16
CA CYS A 80 5.04 -13.06 -3.20
C CYS A 80 4.55 -11.71 -2.68
N CYS A 81 4.08 -11.71 -1.42
CA CYS A 81 3.61 -10.48 -0.78
C CYS A 81 4.76 -9.49 -0.65
N GLN A 82 5.93 -10.00 -0.27
CA GLN A 82 7.13 -9.18 -0.13
C GLN A 82 7.54 -8.57 -1.47
N CYS A 83 7.56 -9.40 -2.51
CA CYS A 83 7.94 -8.94 -3.84
C CYS A 83 7.04 -7.81 -4.32
N THR A 84 5.74 -7.89 -4.04
CA THR A 84 4.82 -6.84 -4.47
C THR A 84 5.18 -5.54 -3.74
N SER A 85 5.58 -5.66 -2.48
CA SER A 85 5.96 -4.50 -1.68
C SER A 85 7.20 -3.81 -2.27
N VAL A 86 8.18 -4.61 -2.66
CA VAL A 86 9.41 -4.08 -3.25
C VAL A 86 9.09 -3.29 -4.51
N GLU A 87 8.19 -3.84 -5.32
CA GLU A 87 7.78 -3.18 -6.56
C GLU A 87 7.06 -1.86 -6.26
N THR A 88 6.19 -1.88 -5.25
CA THR A 88 5.44 -0.69 -4.87
C THR A 88 6.36 0.41 -4.32
N VAL A 89 7.45 0.01 -3.71
CA VAL A 89 8.41 0.97 -3.17
C VAL A 89 9.02 1.76 -4.33
N THR A 90 9.30 1.06 -5.44
CA THR A 90 9.86 1.70 -6.61
C THR A 90 8.84 2.65 -7.24
N GLU A 91 7.59 2.20 -7.32
CA GLU A 91 6.53 3.02 -7.89
C GLU A 91 6.30 4.28 -7.04
N LEU A 92 6.23 4.11 -5.72
CA LEU A 92 6.02 5.21 -4.79
C LEU A 92 7.14 6.26 -4.84
N THR A 93 8.37 5.79 -5.01
CA THR A 93 9.54 6.66 -5.07
C THR A 93 9.47 7.61 -6.28
N GLU A 94 9.08 7.07 -7.42
CA GLU A 94 8.95 7.84 -8.64
C GLU A 94 7.75 8.79 -8.56
N PHE A 95 6.68 8.31 -7.92
CA PHE A 95 5.47 9.12 -7.75
C PHE A 95 5.75 10.35 -6.90
N ALA A 96 6.54 10.17 -5.84
CA ALA A 96 6.88 11.25 -4.93
C ALA A 96 7.46 12.52 -5.57
N LYS A 97 7.91 12.44 -6.82
CA LYS A 97 8.49 13.60 -7.48
C LYS A 97 7.52 14.68 -7.95
N ALA A 98 6.25 14.32 -8.15
CA ALA A 98 5.27 15.31 -8.60
C ALA A 98 4.66 16.09 -7.44
N ILE A 99 5.09 15.77 -6.23
CA ILE A 99 4.59 16.45 -5.03
C ILE A 99 5.41 17.73 -4.81
N PRO A 100 4.74 18.89 -4.83
CA PRO A 100 5.35 20.21 -4.65
C PRO A 100 6.29 20.30 -3.47
N GLY A 101 7.59 20.45 -3.77
CA GLY A 101 8.58 20.58 -2.72
C GLY A 101 9.37 19.33 -2.39
N PHE A 102 8.79 18.16 -2.64
CA PHE A 102 9.47 16.90 -2.33
C PHE A 102 10.86 16.77 -2.93
N ALA A 103 10.96 17.02 -4.24
CA ALA A 103 12.24 16.93 -4.96
C ALA A 103 13.23 17.97 -4.45
N ASN A 104 12.72 19.07 -3.90
CA ASN A 104 13.59 20.12 -3.37
C ASN A 104 14.09 19.82 -1.96
N LEU A 105 13.57 18.75 -1.36
CA LEU A 105 13.99 18.37 -0.02
C LEU A 105 15.39 17.74 -0.02
N ASP A 106 16.00 17.69 1.17
CA ASP A 106 17.32 17.07 1.33
C ASP A 106 17.15 15.59 0.98
N LEU A 107 18.16 15.00 0.34
CA LEU A 107 18.12 13.58 -0.02
C LEU A 107 17.81 12.67 1.15
N ASN A 108 18.35 12.99 2.33
CA ASN A 108 18.10 12.20 3.54
C ASN A 108 16.66 12.31 4.01
N ASP A 109 16.06 13.48 3.84
CA ASP A 109 14.68 13.69 4.24
C ASP A 109 13.73 12.95 3.30
N GLN A 110 14.09 12.90 2.02
CA GLN A 110 13.29 12.18 1.02
C GLN A 110 13.27 10.69 1.37
N VAL A 111 14.44 10.18 1.74
CA VAL A 111 14.58 8.78 2.11
C VAL A 111 13.78 8.47 3.37
N THR A 112 13.86 9.34 4.36
CA THR A 112 13.14 9.15 5.61
C THR A 112 11.62 9.18 5.34
N LEU A 113 11.16 10.15 4.56
CA LEU A 113 9.74 10.24 4.26
C LEU A 113 9.23 8.96 3.57
N LEU A 114 10.00 8.48 2.59
CA LEU A 114 9.63 7.27 1.87
C LEU A 114 9.66 6.04 2.78
N LYS A 115 10.69 5.96 3.61
CA LYS A 115 10.85 4.85 4.54
C LYS A 115 9.63 4.67 5.45
N TYR A 116 9.23 5.74 6.13
CA TYR A 116 8.11 5.68 7.05
C TYR A 116 6.72 5.75 6.41
N GLY A 117 6.65 6.17 5.16
CA GLY A 117 5.37 6.26 4.50
C GLY A 117 4.96 5.16 3.53
N VAL A 118 5.94 4.44 2.98
CA VAL A 118 5.62 3.39 2.02
C VAL A 118 4.57 2.35 2.43
N TYR A 119 4.68 1.77 3.62
CA TYR A 119 3.69 0.78 4.02
C TYR A 119 2.31 1.34 4.27
N GLU A 120 2.24 2.59 4.71
CA GLU A 120 0.95 3.21 4.94
C GLU A 120 0.29 3.37 3.57
N ALA A 121 1.07 3.83 2.59
CA ALA A 121 0.57 4.02 1.24
C ALA A 121 0.18 2.68 0.63
N ILE A 122 1.00 1.65 0.89
CA ILE A 122 0.73 0.31 0.37
C ILE A 122 -0.64 -0.23 0.78
N PHE A 123 -0.95 -0.18 2.07
CA PHE A 123 -2.25 -0.69 2.53
C PHE A 123 -3.42 0.18 2.13
N ALA A 124 -3.15 1.46 1.91
CA ALA A 124 -4.17 2.40 1.47
C ALA A 124 -4.56 2.03 0.04
N MET A 125 -3.56 1.87 -0.82
CA MET A 125 -3.77 1.50 -2.21
C MET A 125 -4.20 0.05 -2.42
N LEU A 126 -3.82 -0.83 -1.49
CA LEU A 126 -4.19 -2.24 -1.59
C LEU A 126 -5.71 -2.40 -1.53
N SER A 127 -6.38 -1.47 -0.86
CA SER A 127 -7.83 -1.50 -0.73
C SER A 127 -8.51 -1.46 -2.11
N SER A 128 -7.87 -0.79 -3.06
CA SER A 128 -8.39 -0.66 -4.43
C SER A 128 -8.57 -2.00 -5.16
N VAL A 129 -7.77 -3.00 -4.83
CA VAL A 129 -7.89 -4.31 -5.49
C VAL A 129 -8.56 -5.35 -4.60
N MET A 130 -9.14 -4.89 -3.50
CA MET A 130 -9.82 -5.77 -2.56
C MET A 130 -11.32 -5.56 -2.48
N ASN A 131 -12.07 -6.65 -2.36
CA ASN A 131 -13.50 -6.60 -2.14
C ASN A 131 -13.73 -7.60 -1.00
N LYS A 132 -14.95 -7.65 -0.46
CA LYS A 132 -15.21 -8.56 0.65
C LYS A 132 -14.93 -10.04 0.42
N ASP A 133 -14.74 -10.45 -0.83
CA ASP A 133 -14.48 -11.86 -1.15
C ASP A 133 -13.03 -12.21 -1.46
N GLY A 134 -12.21 -11.21 -1.73
CA GLY A 134 -10.82 -11.49 -2.03
C GLY A 134 -10.11 -10.30 -2.60
N MET A 135 -8.98 -10.55 -3.27
CA MET A 135 -8.19 -9.48 -3.85
C MET A 135 -7.45 -9.89 -5.12
N LEU A 136 -7.20 -8.90 -5.98
CA LEU A 136 -6.45 -9.15 -7.20
C LEU A 136 -4.98 -9.28 -6.81
N VAL A 137 -4.25 -10.10 -7.57
CA VAL A 137 -2.82 -10.32 -7.34
C VAL A 137 -2.10 -10.48 -8.69
N ALA A 138 -0.77 -10.47 -8.63
CA ALA A 138 0.08 -10.63 -9.81
C ALA A 138 -0.34 -9.76 -11.00
N TYR A 139 -0.31 -8.45 -10.79
CA TYR A 139 -0.65 -7.46 -11.82
C TYR A 139 -2.01 -7.70 -12.48
N GLY A 140 -3.00 -8.01 -11.66
CA GLY A 140 -4.35 -8.22 -12.14
C GLY A 140 -4.60 -9.53 -12.87
N ASN A 141 -3.65 -10.47 -12.79
CA ASN A 141 -3.80 -11.75 -13.46
C ASN A 141 -4.35 -12.86 -12.58
N GLY A 142 -4.54 -12.55 -11.31
CA GLY A 142 -5.07 -13.52 -10.38
C GLY A 142 -5.99 -12.89 -9.36
N PHE A 143 -6.83 -13.72 -8.75
CA PHE A 143 -7.76 -13.26 -7.70
C PHE A 143 -7.71 -14.31 -6.61
N ILE A 144 -7.19 -13.94 -5.46
CA ILE A 144 -7.12 -14.90 -4.36
C ILE A 144 -8.22 -14.62 -3.34
N THR A 145 -8.92 -15.67 -2.93
CA THR A 145 -10.02 -15.50 -1.99
C THR A 145 -9.58 -15.18 -0.57
N ARG A 146 -10.38 -14.34 0.07
CA ARG A 146 -10.16 -13.91 1.43
C ARG A 146 -10.20 -15.13 2.35
N GLU A 147 -11.11 -16.05 2.06
CA GLU A 147 -11.22 -17.26 2.85
C GLU A 147 -9.99 -18.16 2.76
N PHE A 148 -9.39 -18.24 1.56
CA PHE A 148 -8.19 -19.06 1.39
C PHE A 148 -7.04 -18.46 2.20
N LEU A 149 -6.98 -17.14 2.21
CA LEU A 149 -5.93 -16.44 2.96
C LEU A 149 -6.12 -16.64 4.46
N LYS A 150 -7.37 -16.72 4.89
CA LYS A 150 -7.67 -16.94 6.30
C LYS A 150 -7.36 -18.37 6.70
N SER A 151 -7.43 -19.28 5.73
CA SER A 151 -7.19 -20.70 5.98
C SER A 151 -5.73 -21.01 6.27
N LEU A 152 -4.82 -20.19 5.76
CA LEU A 152 -3.37 -20.39 5.95
C LEU A 152 -3.07 -20.58 7.43
N ARG A 153 -2.09 -21.43 7.76
CA ARG A 153 -1.75 -21.66 9.15
C ARG A 153 -1.14 -20.41 9.78
N LYS A 154 -1.23 -20.31 11.10
CA LYS A 154 -0.66 -19.15 11.80
C LYS A 154 0.86 -19.20 11.66
N PRO A 155 1.52 -18.03 11.66
CA PRO A 155 0.89 -16.71 11.77
C PRO A 155 0.65 -16.03 10.41
N PHE A 156 0.78 -16.79 9.34
CA PHE A 156 0.61 -16.24 8.01
C PHE A 156 -0.81 -15.75 7.71
N CYS A 157 -1.80 -16.43 8.25
CA CYS A 157 -3.19 -16.04 8.06
C CYS A 157 -3.49 -14.72 8.78
N ASP A 158 -2.65 -14.35 9.74
CA ASP A 158 -2.85 -13.11 10.50
C ASP A 158 -2.34 -11.86 9.78
N ILE A 159 -1.55 -12.03 8.73
CA ILE A 159 -1.03 -10.92 7.96
C ILE A 159 -2.11 -10.31 7.07
N MET A 160 -2.92 -11.18 6.50
CA MET A 160 -3.96 -10.82 5.55
C MET A 160 -5.24 -10.14 6.04
N GLU A 161 -5.96 -10.82 6.92
CA GLU A 161 -7.24 -10.32 7.42
C GLU A 161 -7.34 -8.86 7.89
N PRO A 162 -6.35 -8.37 8.66
CA PRO A 162 -6.41 -6.97 9.13
C PRO A 162 -6.42 -5.99 7.96
N LYS A 163 -5.76 -6.36 6.86
CA LYS A 163 -5.72 -5.51 5.68
C LYS A 163 -7.09 -5.47 5.03
N PHE A 164 -7.78 -6.60 5.02
CA PHE A 164 -9.13 -6.67 4.47
C PHE A 164 -10.06 -5.81 5.34
N ASP A 165 -9.92 -5.95 6.65
CA ASP A 165 -10.73 -5.19 7.60
C ASP A 165 -10.64 -3.69 7.32
N PHE A 166 -9.41 -3.20 7.18
CA PHE A 166 -9.18 -1.80 6.89
C PHE A 166 -9.79 -1.46 5.52
N ALA A 167 -9.50 -2.29 4.53
CA ALA A 167 -9.99 -2.07 3.17
C ALA A 167 -11.50 -1.95 3.04
N MET A 168 -12.23 -2.81 3.74
CA MET A 168 -13.68 -2.78 3.66
C MET A 168 -14.26 -1.43 4.08
N LYS A 169 -13.72 -0.86 5.15
CA LYS A 169 -14.21 0.44 5.62
C LYS A 169 -13.67 1.57 4.75
N PHE A 170 -12.44 1.43 4.27
CA PHE A 170 -11.81 2.46 3.42
C PHE A 170 -12.58 2.55 2.09
N ASN A 171 -12.91 1.39 1.54
CA ASN A 171 -13.65 1.33 0.26
C ASN A 171 -15.07 1.85 0.38
N ALA A 172 -15.62 1.80 1.60
CA ALA A 172 -16.97 2.30 1.86
C ALA A 172 -17.03 3.81 1.68
N LEU A 173 -15.86 4.46 1.73
CA LEU A 173 -15.74 5.91 1.56
C LEU A 173 -15.93 6.30 0.11
N GLU A 174 -15.91 5.30 -0.78
CA GLU A 174 -16.10 5.51 -2.20
C GLU A 174 -15.22 6.58 -2.85
N LEU A 175 -13.93 6.54 -2.53
CA LEU A 175 -12.97 7.48 -3.09
C LEU A 175 -12.58 7.00 -4.49
N ASP A 176 -12.11 7.93 -5.33
CA ASP A 176 -11.65 7.54 -6.65
C ASP A 176 -10.17 7.87 -6.74
N ASP A 177 -9.53 7.55 -7.87
CA ASP A 177 -8.11 7.80 -8.04
C ASP A 177 -7.68 9.25 -7.83
N SER A 178 -8.55 10.21 -8.14
CA SER A 178 -8.19 11.62 -7.93
C SER A 178 -8.04 11.91 -6.44
N ASP A 179 -8.85 11.24 -5.63
CA ASP A 179 -8.81 11.41 -4.18
C ASP A 179 -7.62 10.64 -3.61
N ILE A 180 -7.52 9.35 -3.97
CA ILE A 180 -6.45 8.50 -3.50
C ILE A 180 -5.06 9.03 -3.79
N SER A 181 -4.88 9.61 -4.97
CA SER A 181 -3.58 10.16 -5.33
C SER A 181 -3.14 11.22 -4.31
N LEU A 182 -4.05 12.13 -3.97
CA LEU A 182 -3.76 13.17 -2.99
C LEU A 182 -3.57 12.60 -1.58
N PHE A 183 -4.33 11.57 -1.26
CA PHE A 183 -4.25 10.92 0.05
C PHE A 183 -2.87 10.31 0.24
N VAL A 184 -2.41 9.58 -0.78
CA VAL A 184 -1.09 8.95 -0.76
C VAL A 184 -0.01 10.03 -0.70
N ALA A 185 -0.24 11.14 -1.40
CA ALA A 185 0.72 12.24 -1.40
C ALA A 185 0.82 12.79 0.02
N ALA A 186 -0.34 13.00 0.65
CA ALA A 186 -0.40 13.51 2.01
C ALA A 186 0.31 12.58 3.00
N ILE A 187 0.16 11.27 2.79
CA ILE A 187 0.80 10.26 3.63
C ILE A 187 2.31 10.39 3.58
N ILE A 188 2.85 10.59 2.38
CA ILE A 188 4.28 10.74 2.19
C ILE A 188 4.79 12.04 2.82
N CYS A 189 4.00 13.11 2.68
CA CYS A 189 4.34 14.43 3.24
C CYS A 189 3.95 14.52 4.70
N CYS A 190 4.72 13.85 5.54
CA CYS A 190 4.44 13.81 6.95
C CYS A 190 5.59 14.41 7.73
N GLY A 191 5.31 15.51 8.42
CA GLY A 191 6.35 16.20 9.17
C GLY A 191 6.82 15.57 10.47
N ASP A 192 6.02 14.67 11.04
CA ASP A 192 6.42 14.04 12.29
C ASP A 192 7.20 12.72 12.17
N ARG A 193 7.76 12.47 10.98
CA ARG A 193 8.54 11.24 10.77
C ARG A 193 9.88 11.33 11.51
N PRO A 194 10.33 10.20 12.10
CA PRO A 194 11.59 10.11 12.84
C PRO A 194 12.86 10.47 12.06
N GLY A 195 13.69 11.32 12.66
CA GLY A 195 14.96 11.69 12.04
C GLY A 195 15.01 12.72 10.91
N LEU A 196 13.91 13.42 10.67
CA LEU A 196 13.89 14.43 9.61
C LEU A 196 14.83 15.58 9.93
N LEU A 197 15.57 16.03 8.93
CA LEU A 197 16.53 17.12 9.10
C LEU A 197 15.83 18.47 9.10
N ASN A 198 14.97 18.70 8.11
CA ASN A 198 14.25 19.97 8.00
C ASN A 198 12.74 19.81 8.20
N VAL A 199 12.33 19.69 9.46
CA VAL A 199 10.93 19.51 9.85
C VAL A 199 10.02 20.66 9.39
N GLY A 200 10.53 21.88 9.50
CA GLY A 200 9.75 23.04 9.11
C GLY A 200 9.29 23.04 7.65
N HIS A 201 10.22 22.80 6.71
CA HIS A 201 9.89 22.80 5.29
C HIS A 201 8.92 21.68 4.91
N ILE A 202 9.03 20.55 5.60
CA ILE A 202 8.18 19.39 5.36
C ILE A 202 6.75 19.65 5.83
N GLU A 203 6.61 20.29 6.99
CA GLU A 203 5.31 20.63 7.55
C GLU A 203 4.57 21.59 6.62
N LYS A 204 5.30 22.51 6.02
CA LYS A 204 4.69 23.48 5.10
C LYS A 204 4.31 22.75 3.81
N MET A 205 5.14 21.79 3.41
CA MET A 205 4.87 21.01 2.20
C MET A 205 3.61 20.17 2.48
N GLN A 206 3.55 19.62 3.70
CA GLN A 206 2.42 18.81 4.14
C GLN A 206 1.16 19.66 4.12
N GLU A 207 1.20 20.80 4.81
CA GLU A 207 0.08 21.73 4.88
C GLU A 207 -0.46 22.06 3.49
N GLY A 208 0.45 22.25 2.53
CA GLY A 208 0.06 22.54 1.17
C GLY A 208 -0.72 21.41 0.53
N ILE A 209 -0.20 20.19 0.65
CA ILE A 209 -0.86 19.02 0.08
C ILE A 209 -2.21 18.76 0.76
N VAL A 210 -2.23 18.87 2.08
CA VAL A 210 -3.46 18.64 2.84
C VAL A 210 -4.50 19.68 2.49
N HIS A 211 -4.05 20.90 2.21
CA HIS A 211 -4.95 21.98 1.83
C HIS A 211 -5.60 21.63 0.51
N VAL A 212 -4.80 21.11 -0.42
CA VAL A 212 -5.29 20.72 -1.73
C VAL A 212 -6.25 19.55 -1.60
N LEU A 213 -5.90 18.59 -0.73
CA LEU A 213 -6.75 17.43 -0.50
C LEU A 213 -8.11 17.86 0.03
N ARG A 214 -8.10 18.80 0.97
CA ARG A 214 -9.32 19.32 1.57
C ARG A 214 -10.24 19.96 0.53
N LEU A 215 -9.69 20.83 -0.28
CA LEU A 215 -10.48 21.51 -1.30
C LEU A 215 -11.02 20.53 -2.33
N HIS A 216 -10.20 19.54 -2.69
CA HIS A 216 -10.62 18.54 -3.66
C HIS A 216 -11.77 17.67 -3.15
N LEU A 217 -11.69 17.24 -1.89
CA LEU A 217 -12.76 16.43 -1.32
C LEU A 217 -14.05 17.22 -1.25
N GLN A 218 -13.93 18.52 -0.99
CA GLN A 218 -15.08 19.41 -0.91
C GLN A 218 -15.77 19.48 -2.28
N SER A 219 -14.98 19.56 -3.34
CA SER A 219 -15.48 19.65 -4.71
C SER A 219 -15.93 18.31 -5.29
N ASN A 220 -15.16 17.26 -5.03
CA ASN A 220 -15.44 15.92 -5.55
C ASN A 220 -16.47 15.12 -4.75
N HIS A 221 -16.67 15.48 -3.48
CA HIS A 221 -17.62 14.79 -2.61
C HIS A 221 -18.50 15.75 -1.81
N PRO A 222 -19.33 16.53 -2.49
CA PRO A 222 -20.22 17.48 -1.82
C PRO A 222 -21.21 16.81 -0.86
N ASP A 223 -21.45 15.52 -1.12
CA ASP A 223 -22.39 14.72 -0.34
C ASP A 223 -21.92 14.24 1.04
N ASP A 224 -20.61 14.28 1.29
CA ASP A 224 -20.05 13.82 2.57
C ASP A 224 -19.21 14.94 3.19
N ILE A 225 -19.81 15.71 4.08
CA ILE A 225 -19.12 16.82 4.71
C ILE A 225 -18.07 16.41 5.75
N PHE A 226 -18.03 15.12 6.07
CA PHE A 226 -17.06 14.62 7.03
C PHE A 226 -15.91 13.87 6.35
N LEU A 227 -15.91 13.83 5.02
CA LEU A 227 -14.87 13.09 4.32
C LEU A 227 -13.42 13.43 4.68
N PHE A 228 -13.10 14.72 4.78
CA PHE A 228 -11.76 15.13 5.13
C PHE A 228 -11.36 14.61 6.52
N PRO A 229 -12.16 14.90 7.57
CA PRO A 229 -11.85 14.43 8.92
C PRO A 229 -11.73 12.90 8.93
N LYS A 230 -12.62 12.24 8.18
CA LYS A 230 -12.62 10.78 8.08
C LYS A 230 -11.26 10.31 7.55
N LEU A 231 -10.77 10.95 6.49
CA LEU A 231 -9.48 10.58 5.89
C LEU A 231 -8.30 10.87 6.81
N LEU A 232 -8.37 11.96 7.56
CA LEU A 232 -7.31 12.29 8.51
C LEU A 232 -7.23 11.13 9.50
N GLN A 233 -8.40 10.61 9.89
CA GLN A 233 -8.44 9.48 10.81
C GLN A 233 -7.86 8.22 10.18
N LYS A 234 -8.14 8.00 8.90
CA LYS A 234 -7.59 6.81 8.21
C LYS A 234 -6.07 6.85 8.18
N MET A 235 -5.52 8.06 8.13
CA MET A 235 -4.07 8.23 8.12
C MET A 235 -3.51 7.71 9.43
N ALA A 236 -4.17 8.06 10.54
CA ALA A 236 -3.74 7.60 11.86
C ALA A 236 -3.97 6.08 11.97
N ASP A 237 -5.09 5.60 11.43
CA ASP A 237 -5.39 4.17 11.46
C ASP A 237 -4.31 3.41 10.71
N LEU A 238 -3.90 3.93 9.55
CA LEU A 238 -2.87 3.27 8.75
C LEU A 238 -1.55 3.15 9.52
N ARG A 239 -1.21 4.20 10.27
CA ARG A 239 0.01 4.19 11.06
C ARG A 239 -0.04 3.05 12.09
N GLN A 240 -1.19 2.86 12.73
CA GLN A 240 -1.36 1.79 13.71
C GLN A 240 -1.34 0.44 13.00
N LEU A 241 -2.01 0.37 11.86
CA LEU A 241 -2.06 -0.86 11.06
C LEU A 241 -0.65 -1.31 10.69
N VAL A 242 0.21 -0.34 10.37
CA VAL A 242 1.58 -0.63 9.96
C VAL A 242 2.43 -1.10 11.13
N THR A 243 2.27 -0.45 12.27
CA THR A 243 3.02 -0.82 13.46
C THR A 243 2.70 -2.28 13.77
N GLU A 244 1.42 -2.61 13.72
CA GLU A 244 0.96 -3.97 13.99
C GLU A 244 1.49 -4.94 12.94
N HIS A 245 1.50 -4.53 11.68
CA HIS A 245 2.01 -5.40 10.61
C HIS A 245 3.51 -5.67 10.82
N ALA A 246 4.26 -4.63 11.19
CA ALA A 246 5.69 -4.74 11.42
C ALA A 246 5.98 -5.74 12.56
N GLN A 247 5.15 -5.72 13.59
CA GLN A 247 5.32 -6.62 14.72
C GLN A 247 5.10 -8.06 14.26
N LEU A 248 4.07 -8.27 13.45
CA LEU A 248 3.74 -9.59 12.97
C LEU A 248 4.84 -10.13 12.06
N VAL A 249 5.39 -9.26 11.23
CA VAL A 249 6.47 -9.64 10.32
C VAL A 249 7.70 -10.05 11.15
N GLN A 250 7.93 -9.34 12.25
CA GLN A 250 9.05 -9.64 13.14
C GLN A 250 8.90 -11.04 13.73
N ILE A 251 7.69 -11.37 14.17
CA ILE A 251 7.38 -12.68 14.74
C ILE A 251 7.68 -13.75 13.70
N ILE A 252 7.25 -13.52 12.47
CA ILE A 252 7.48 -14.47 11.38
C ILE A 252 8.98 -14.64 11.12
N LYS A 253 9.68 -13.51 11.04
CA LYS A 253 11.12 -13.51 10.78
C LYS A 253 11.91 -14.35 11.79
N LYS A 254 11.47 -14.34 13.04
CA LYS A 254 12.14 -15.10 14.09
C LYS A 254 11.71 -16.54 14.25
N THR A 255 10.40 -16.78 14.24
CA THR A 255 9.84 -18.12 14.44
C THR A 255 9.72 -19.04 13.23
N GLU A 256 9.87 -18.49 12.03
CA GLU A 256 9.80 -19.27 10.80
C GLU A 256 11.17 -19.28 10.13
N SER A 257 11.93 -20.33 10.41
CA SER A 257 13.30 -20.48 9.88
C SER A 257 13.42 -20.54 8.35
N ASP A 258 12.29 -20.63 7.65
CA ASP A 258 12.32 -20.70 6.19
C ASP A 258 11.81 -19.46 5.49
N ALA A 259 11.33 -18.48 6.26
CA ALA A 259 10.79 -17.26 5.69
C ALA A 259 11.78 -16.09 5.76
N ALA A 260 12.57 -15.94 4.71
CA ALA A 260 13.58 -14.89 4.62
C ALA A 260 12.97 -13.55 4.18
N LEU A 261 13.43 -12.48 4.80
CA LEU A 261 12.98 -11.14 4.51
C LEU A 261 13.87 -10.47 3.45
N HIS A 262 13.26 -9.91 2.41
CA HIS A 262 13.99 -9.24 1.33
C HIS A 262 14.82 -8.09 1.92
N PRO A 263 16.11 -8.00 1.54
CA PRO A 263 17.01 -6.94 2.05
C PRO A 263 16.43 -5.52 2.08
N LEU A 264 15.75 -5.11 1.01
CA LEU A 264 15.18 -3.77 0.98
C LEU A 264 14.14 -3.57 2.07
N LEU A 265 13.25 -4.54 2.21
CA LEU A 265 12.20 -4.47 3.22
C LEU A 265 12.81 -4.52 4.59
N GLN A 266 13.91 -5.26 4.72
CA GLN A 266 14.61 -5.35 6.00
C GLN A 266 15.07 -3.94 6.37
N GLU A 267 15.62 -3.22 5.39
CA GLU A 267 16.10 -1.85 5.61
C GLU A 267 14.95 -0.88 5.94
N ILE A 268 13.80 -1.08 5.31
CA ILE A 268 12.63 -0.24 5.56
C ILE A 268 12.12 -0.47 6.97
N TYR A 269 12.09 -1.73 7.38
CA TYR A 269 11.61 -2.13 8.69
C TYR A 269 12.53 -1.71 9.84
N ARG A 270 13.83 -1.60 9.56
CA ARG A 270 14.82 -1.23 10.57
C ARG A 270 14.56 0.11 11.25
N ASP A 271 14.40 0.07 12.57
CA ASP A 271 14.16 1.26 13.39
C ASP A 271 12.91 2.03 13.05
N MET A 272 11.99 1.39 12.35
CA MET A 272 10.76 2.07 12.00
C MET A 272 9.97 2.23 13.28
N TYR A 273 9.52 1.10 13.82
CA TYR A 273 8.73 1.10 15.06
C TYR A 273 9.32 0.21 16.15
#